data_4H5S
#
_entry.id   4H5S
#
_cell.length_a   91.042
_cell.length_b   91.042
_cell.length_c   56.684
_cell.angle_alpha   90.00
_cell.angle_beta   90.00
_cell.angle_gamma   120.00
#
_symmetry.space_group_name_H-M   'P 61'
#
loop_
_entity.id
_entity.type
_entity.pdbx_description
1 polymer 'Cytotoxic and regulatory T-cell molecule'
2 polymer 'Cell adhesion molecule 1'
3 water water
#
loop_
_entity_poly.entity_id
_entity_poly.type
_entity_poly.pdbx_seq_one_letter_code
_entity_poly.pdbx_strand_id
1 'polypeptide(L)'
;MSLTNHTETITVEEGQTLTLKCVTSLRKNSSLQWLTPSGFTIFLNEYPALKNSKYQLLHHSANQLSITVPNVTLQDEGVY
KCLHYSDSVSTKEVKVIVLAT
;
A
2 'polypeptide(L)'
;MQNLFTKDVTVIEGEVATISCQVNKSDDSVIQLLNPNRQTIYFRDFRPLKDSRFQLLNFSSSELKVSLTNVSISDEGRYF
CQLYTDPPQESYTTITVLVPP
;
B
#
# COMPACT_ATOMS: atom_id res chain seq x y z
N HIS A 6 17.02 2.84 -4.84
CA HIS A 6 17.15 4.25 -4.46
C HIS A 6 17.76 5.06 -5.58
N THR A 7 16.92 5.73 -6.36
CA THR A 7 17.39 6.35 -7.57
C THR A 7 17.54 7.86 -7.43
N GLU A 8 16.89 8.45 -6.44
CA GLU A 8 16.92 9.91 -6.33
C GLU A 8 16.96 10.43 -4.89
N THR A 9 17.66 11.54 -4.71
CA THR A 9 17.64 12.26 -3.43
C THR A 9 17.28 13.73 -3.69
N ILE A 10 16.32 14.24 -2.92
CA ILE A 10 15.83 15.60 -3.13
C ILE A 10 16.02 16.41 -1.85
N THR A 11 16.59 17.60 -1.97
CA THR A 11 16.71 18.52 -0.84
C THR A 11 15.72 19.67 -0.99
N VAL A 12 14.91 19.92 0.05
CA VAL A 12 13.91 20.96 0.01
C VAL A 12 14.05 21.79 1.29
N GLU A 13 13.69 23.07 1.23
CA GLU A 13 13.79 23.89 2.42
C GLU A 13 12.49 23.90 3.19
N GLU A 14 12.62 23.86 4.51
CA GLU A 14 11.49 23.99 5.40
C GLU A 14 10.60 25.14 4.93
N GLY A 15 9.30 24.87 4.81
CA GLY A 15 8.36 25.91 4.43
C GLY A 15 8.07 26.04 2.95
N GLN A 16 8.84 25.36 2.10
CA GLN A 16 8.53 25.40 0.68
C GLN A 16 7.81 24.14 0.23
N THR A 17 7.58 24.01 -1.06
CA THR A 17 6.79 22.93 -1.59
C THR A 17 7.67 21.83 -2.20
N LEU A 18 7.44 20.60 -1.76
CA LEU A 18 8.12 19.46 -2.32
C LEU A 18 7.24 18.85 -3.41
N THR A 19 7.82 18.56 -4.57
CA THR A 19 7.09 17.86 -5.61
C THR A 19 7.70 16.49 -5.83
N LEU A 20 6.86 15.47 -5.75
CA LEU A 20 7.30 14.10 -5.96
C LEU A 20 6.69 13.58 -7.25
N LYS A 21 7.55 13.35 -8.22
CA LYS A 21 7.13 12.98 -9.57
C LYS A 21 7.62 11.57 -9.87
N CYS A 22 6.69 10.70 -10.20
CA CYS A 22 7.05 9.34 -10.58
C CYS A 22 6.64 9.13 -12.03
N VAL A 23 7.63 8.96 -12.90
CA VAL A 23 7.36 8.72 -14.33
C VAL A 23 7.96 7.38 -14.68
N THR A 24 7.17 6.53 -15.33
CA THR A 24 7.57 5.14 -15.56
C THR A 24 7.37 4.75 -17.01
N SER A 25 7.64 3.48 -17.29
CA SER A 25 7.25 2.86 -18.56
C SER A 25 5.74 2.94 -18.71
N LEU A 26 5.28 2.82 -19.95
CA LEU A 26 3.87 2.92 -20.25
C LEU A 26 3.34 1.50 -20.42
N ARG A 27 2.45 1.08 -19.51
CA ARG A 27 1.91 -0.27 -19.49
C ARG A 27 0.40 -0.26 -19.34
N LYS A 28 -0.28 -1.07 -20.14
CA LYS A 28 -1.73 -1.17 -20.05
C LYS A 28 -2.15 -1.83 -18.74
N ASN A 29 -3.28 -1.36 -18.18
CA ASN A 29 -3.85 -1.97 -16.99
C ASN A 29 -2.91 -1.94 -15.78
N SER A 30 -2.07 -0.91 -15.69
CA SER A 30 -1.14 -0.85 -14.58
C SER A 30 -1.61 0.16 -13.54
N SER A 31 -1.00 0.13 -12.35
CA SER A 31 -1.28 1.13 -11.32
C SER A 31 0.01 1.79 -10.85
N LEU A 32 -0.14 2.99 -10.30
CA LEU A 32 0.96 3.73 -9.70
C LEU A 32 0.55 4.14 -8.30
N GLN A 33 1.53 4.24 -7.40
CA GLN A 33 1.24 4.48 -5.99
C GLN A 33 2.39 5.22 -5.32
N TRP A 34 2.07 6.18 -4.46
CA TRP A 34 3.08 6.83 -3.62
C TRP A 34 2.86 6.46 -2.16
N LEU A 35 3.95 6.09 -1.47
CA LEU A 35 3.92 5.76 -0.05
C LEU A 35 4.76 6.76 0.73
N THR A 36 4.29 7.11 1.92
CA THR A 36 5.05 7.92 2.85
C THR A 36 6.19 7.11 3.45
N PRO A 37 7.17 7.81 4.07
CA PRO A 37 8.23 7.10 4.79
C PRO A 37 7.63 6.22 5.89
N SER A 38 6.49 6.63 6.43
CA SER A 38 5.81 5.87 7.49
C SER A 38 5.10 4.63 6.96
N GLY A 39 5.08 4.47 5.64
CA GLY A 39 4.59 3.26 5.02
C GLY A 39 3.10 3.25 4.68
N PHE A 40 2.50 4.43 4.57
CA PHE A 40 1.08 4.53 4.23
C PHE A 40 0.87 5.12 2.85
N THR A 41 -0.23 4.77 2.22
CA THR A 41 -0.51 5.22 0.86
C THR A 41 -0.98 6.67 0.83
N ILE A 42 -0.35 7.47 -0.03
CA ILE A 42 -0.80 8.82 -0.26
C ILE A 42 -1.88 8.76 -1.34
N PHE A 43 -1.50 8.24 -2.51
CA PHE A 43 -2.46 7.96 -3.57
C PHE A 43 -2.16 6.59 -4.19
N LEU A 44 -3.23 5.86 -4.51
CA LEU A 44 -3.13 4.74 -5.43
C LEU A 44 -3.93 5.16 -6.67
N ASN A 45 -3.25 5.29 -7.79
CA ASN A 45 -3.86 5.94 -8.94
C ASN A 45 -4.46 7.27 -8.51
N GLU A 46 -5.71 7.56 -8.85
CA GLU A 46 -6.26 8.85 -8.45
C GLU A 46 -6.88 8.85 -7.05
N TYR A 47 -6.86 7.70 -6.39
CA TYR A 47 -7.57 7.57 -5.12
C TYR A 47 -6.69 7.89 -3.91
N PRO A 48 -7.09 8.90 -3.11
CA PRO A 48 -6.33 9.19 -1.89
C PRO A 48 -6.58 8.11 -0.86
N ALA A 49 -5.65 7.92 0.06
CA ALA A 49 -5.89 7.00 1.14
C ALA A 49 -5.76 7.74 2.47
N LEU A 50 -4.57 8.26 2.76
CA LEU A 50 -4.42 9.11 3.94
C LEU A 50 -5.40 10.26 3.81
N LYS A 51 -6.17 10.51 4.88
CA LYS A 51 -7.22 11.53 4.78
C LYS A 51 -6.95 12.73 5.69
N ASN A 52 -7.63 13.84 5.40
CA ASN A 52 -7.41 15.07 6.15
C ASN A 52 -5.95 15.51 6.01
N SER A 53 -5.29 15.07 4.95
CA SER A 53 -3.87 15.35 4.76
C SER A 53 -3.63 16.53 3.84
N LYS A 54 -2.40 16.99 3.80
CA LYS A 54 -2.03 18.14 2.97
C LYS A 54 -1.55 17.75 1.56
N TYR A 55 -1.33 16.46 1.33
CA TYR A 55 -0.86 15.98 0.02
C TYR A 55 -1.88 16.29 -1.08
N GLN A 56 -1.37 16.79 -2.21
CA GLN A 56 -2.22 17.16 -3.33
C GLN A 56 -1.84 16.32 -4.54
N LEU A 57 -2.85 15.91 -5.32
CA LEU A 57 -2.59 15.24 -6.58
C LEU A 57 -2.31 16.25 -7.67
N LEU A 58 -1.12 16.16 -8.26
CA LEU A 58 -0.70 17.09 -9.31
C LEU A 58 -1.01 16.54 -10.69
N HIS A 59 -0.86 15.23 -10.85
CA HIS A 59 -1.02 14.59 -12.15
C HIS A 59 -1.15 13.10 -11.97
N HIS A 60 -2.18 12.52 -12.57
CA HIS A 60 -2.25 11.07 -12.69
C HIS A 60 -2.58 10.62 -14.10
N SER A 61 -1.71 9.78 -14.65
CA SER A 61 -1.97 9.09 -15.92
C SER A 61 -1.25 7.75 -15.89
N ALA A 62 -1.35 6.97 -16.98
CA ALA A 62 -0.84 5.62 -16.93
C ALA A 62 0.65 5.52 -16.59
N ASN A 63 1.45 6.50 -17.04
CA ASN A 63 2.89 6.46 -16.78
C ASN A 63 3.40 7.56 -15.85
N GLN A 64 2.49 8.28 -15.21
CA GLN A 64 2.89 9.33 -14.27
C GLN A 64 1.95 9.49 -13.08
N LEU A 65 2.53 9.49 -11.89
CA LEU A 65 1.81 9.89 -10.69
C LEU A 65 2.66 10.94 -10.01
N SER A 66 2.13 12.15 -9.89
CA SER A 66 2.85 13.24 -9.27
C SER A 66 2.04 13.90 -8.18
N ILE A 67 2.71 14.23 -7.08
CA ILE A 67 2.03 14.76 -5.92
C ILE A 67 2.79 15.95 -5.36
N THR A 68 2.06 16.82 -4.69
CA THR A 68 2.66 17.99 -4.05
C THR A 68 2.64 17.79 -2.54
N VAL A 69 3.75 18.11 -1.89
CA VAL A 69 3.79 18.17 -0.43
C VAL A 69 4.03 19.62 -0.05
N PRO A 70 2.94 20.39 0.13
CA PRO A 70 3.03 21.83 0.41
C PRO A 70 3.53 22.10 1.82
N ASN A 71 4.09 23.30 2.03
CA ASN A 71 4.42 23.76 3.38
C ASN A 71 5.22 22.71 4.16
N VAL A 72 6.32 22.28 3.56
CA VAL A 72 7.16 21.21 4.09
C VAL A 72 7.66 21.47 5.50
N THR A 73 7.51 20.46 6.37
CA THR A 73 8.06 20.52 7.71
C THR A 73 9.28 19.62 7.79
N LEU A 74 10.05 19.76 8.86
CA LEU A 74 11.22 18.91 9.05
C LEU A 74 10.82 17.44 9.12
N GLN A 75 9.60 17.16 9.57
CA GLN A 75 9.15 15.78 9.74
C GLN A 75 8.66 15.13 8.45
N ASP A 76 8.64 15.91 7.37
CA ASP A 76 8.32 15.36 6.06
C ASP A 76 9.52 14.68 5.40
N GLU A 77 10.66 14.71 6.09
CA GLU A 77 11.87 14.04 5.60
C GLU A 77 11.67 12.52 5.57
N GLY A 78 12.51 11.83 4.80
CA GLY A 78 12.50 10.38 4.77
C GLY A 78 12.41 9.81 3.37
N VAL A 79 12.32 8.50 3.29
CA VAL A 79 12.29 7.80 2.00
C VAL A 79 10.85 7.53 1.57
N TYR A 80 10.43 8.23 0.51
CA TYR A 80 9.11 8.01 -0.10
C TYR A 80 9.28 6.97 -1.20
N LYS A 81 8.24 6.20 -1.46
CA LYS A 81 8.35 5.16 -2.48
C LYS A 81 7.25 5.29 -3.51
N CYS A 82 7.62 5.10 -4.77
CA CYS A 82 6.63 5.02 -5.84
C CYS A 82 6.64 3.60 -6.38
N LEU A 83 5.47 2.96 -6.34
CA LEU A 83 5.34 1.59 -6.87
C LEU A 83 4.56 1.60 -8.17
N HIS A 84 5.03 0.80 -9.13
CA HIS A 84 4.37 0.63 -10.43
C HIS A 84 3.97 -0.84 -10.58
N TYR A 85 2.67 -1.09 -10.63
CA TYR A 85 2.12 -2.44 -10.72
C TYR A 85 1.81 -2.78 -12.17
N SER A 86 2.63 -3.63 -12.76
CA SER A 86 2.33 -4.20 -14.09
C SER A 86 2.46 -5.71 -13.96
N ASP A 87 3.11 -6.38 -14.92
CA ASP A 87 3.31 -7.82 -14.77
C ASP A 87 4.10 -8.11 -13.50
N SER A 88 4.97 -7.17 -13.11
CA SER A 88 5.63 -7.21 -11.82
C SER A 88 5.57 -5.84 -11.16
N VAL A 89 6.03 -5.77 -9.92
CA VAL A 89 6.00 -4.48 -9.20
C VAL A 89 7.41 -3.90 -9.16
N SER A 90 7.56 -2.69 -9.69
CA SER A 90 8.84 -1.98 -9.60
C SER A 90 8.70 -0.87 -8.59
N THR A 91 9.78 -0.58 -7.88
CA THR A 91 9.77 0.41 -6.81
C THR A 91 10.90 1.41 -7.00
N LYS A 92 10.54 2.70 -6.98
CA LYS A 92 11.51 3.78 -6.99
C LYS A 92 11.53 4.40 -5.60
N GLU A 93 12.73 4.61 -5.05
CA GLU A 93 12.84 5.17 -3.71
C GLU A 93 13.41 6.58 -3.80
N VAL A 94 12.75 7.53 -3.16
CA VAL A 94 13.17 8.92 -3.21
C VAL A 94 13.45 9.42 -1.80
N LYS A 95 14.72 9.69 -1.53
CA LYS A 95 15.13 10.19 -0.22
C LYS A 95 14.93 11.70 -0.17
N VAL A 96 14.11 12.15 0.77
CA VAL A 96 13.84 13.57 0.92
C VAL A 96 14.58 14.12 2.13
N ILE A 97 15.38 15.16 1.90
CA ILE A 97 16.13 15.86 2.95
C ILE A 97 15.51 17.23 3.12
N VAL A 98 15.16 17.59 4.35
CA VAL A 98 14.55 18.91 4.59
C VAL A 98 15.55 19.79 5.33
N LEU A 99 15.85 20.94 4.74
CA LEU A 99 16.78 21.89 5.35
C LEU A 99 16.05 22.85 6.26
N ALA A 100 16.57 23.03 7.47
CA ALA A 100 15.95 23.94 8.43
C ALA A 100 16.20 25.40 8.11
N THR A 101 15.45 26.25 8.80
CA THR A 101 15.63 27.72 8.81
C THR A 101 14.73 28.43 7.82
N GLN B 2 -7.48 0.67 19.21
CA GLN B 2 -7.36 0.07 17.89
C GLN B 2 -8.71 -0.52 17.46
N ASN B 3 -9.12 -0.20 16.23
CA ASN B 3 -10.37 -0.63 15.62
C ASN B 3 -10.13 -1.75 14.61
N LEU B 4 -8.87 -1.94 14.21
CA LEU B 4 -8.55 -2.86 13.13
C LEU B 4 -7.93 -4.12 13.71
N PHE B 5 -8.41 -5.28 13.27
CA PHE B 5 -7.84 -6.54 13.72
C PHE B 5 -7.71 -7.57 12.62
N THR B 6 -6.82 -8.52 12.84
CA THR B 6 -6.67 -9.65 11.95
C THR B 6 -6.22 -10.85 12.78
N LYS B 7 -5.99 -11.98 12.14
CA LYS B 7 -5.65 -13.21 12.87
C LYS B 7 -4.64 -13.98 12.04
N ASP B 8 -3.69 -14.62 12.72
CA ASP B 8 -2.69 -15.41 12.02
C ASP B 8 -3.32 -16.56 11.23
N VAL B 9 -2.62 -17.00 10.18
CA VAL B 9 -3.11 -18.06 9.33
C VAL B 9 -2.05 -19.14 9.18
N THR B 10 -2.47 -20.40 9.36
CA THR B 10 -1.65 -21.55 9.02
C THR B 10 -2.28 -22.25 7.83
N VAL B 11 -1.48 -22.54 6.82
CA VAL B 11 -1.99 -23.15 5.59
C VAL B 11 -1.00 -24.20 5.09
N ILE B 12 -1.54 -25.30 4.59
CA ILE B 12 -0.69 -26.34 3.99
C ILE B 12 -0.30 -25.91 2.58
N GLU B 13 0.98 -26.07 2.23
CA GLU B 13 1.41 -25.67 0.90
C GLU B 13 0.53 -26.31 -0.18
N GLY B 14 0.14 -25.51 -1.16
CA GLY B 14 -0.71 -25.99 -2.24
C GLY B 14 -2.19 -25.79 -1.99
N GLU B 15 -2.55 -25.46 -0.75
CA GLU B 15 -3.96 -25.23 -0.41
C GLU B 15 -4.33 -23.75 -0.42
N VAL B 16 -5.52 -23.43 0.08
CA VAL B 16 -6.04 -22.06 0.01
C VAL B 16 -5.95 -21.36 1.36
N ALA B 17 -5.32 -20.19 1.39
CA ALA B 17 -5.28 -19.36 2.59
C ALA B 17 -6.38 -18.31 2.55
N THR B 18 -7.04 -18.09 3.69
CA THR B 18 -8.01 -17.02 3.79
C THR B 18 -7.50 -15.98 4.76
N ILE B 19 -7.39 -14.73 4.30
CA ILE B 19 -6.80 -13.66 5.09
C ILE B 19 -7.88 -12.59 5.27
N SER B 20 -8.05 -12.10 6.48
CA SER B 20 -9.15 -11.17 6.72
C SER B 20 -8.70 -9.96 7.54
N CYS B 21 -9.12 -8.77 7.13
CA CYS B 21 -8.95 -7.56 7.91
C CYS B 21 -10.32 -7.13 8.42
N GLN B 22 -10.47 -7.05 9.75
CA GLN B 22 -11.74 -6.75 10.39
C GLN B 22 -11.71 -5.36 10.99
N VAL B 23 -12.83 -4.64 10.89
CA VAL B 23 -12.92 -3.32 11.48
C VAL B 23 -14.12 -3.25 12.43
N ASN B 24 -13.85 -2.87 13.66
CA ASN B 24 -14.91 -2.68 14.66
C ASN B 24 -15.41 -1.25 14.59
N LYS B 25 -16.71 -1.05 14.74
CA LYS B 25 -17.29 0.28 14.71
C LYS B 25 -16.81 1.09 13.51
N SER B 26 -16.95 0.50 12.33
CA SER B 26 -16.48 1.13 11.10
C SER B 26 -17.09 2.49 10.80
N ASP B 27 -16.26 3.41 10.31
CA ASP B 27 -16.73 4.67 9.77
C ASP B 27 -16.50 4.72 8.27
N ASP B 28 -16.29 3.55 7.67
CA ASP B 28 -16.09 3.41 6.24
C ASP B 28 -14.77 3.96 5.69
N SER B 29 -13.77 4.08 6.56
CA SER B 29 -12.41 4.41 6.11
C SER B 29 -11.87 3.31 5.17
N VAL B 30 -10.94 3.67 4.31
CA VAL B 30 -10.33 2.72 3.38
C VAL B 30 -9.64 1.59 4.12
N ILE B 31 -9.88 0.35 3.67
CA ILE B 31 -9.15 -0.81 4.18
C ILE B 31 -8.26 -1.30 3.05
N GLN B 32 -7.01 -1.60 3.39
CA GLN B 32 -6.03 -2.10 2.43
C GLN B 32 -5.37 -3.34 2.99
N LEU B 33 -4.97 -4.28 2.12
CA LEU B 33 -4.21 -5.45 2.54
C LEU B 33 -2.93 -5.47 1.71
N LEU B 34 -1.78 -5.56 2.38
CA LEU B 34 -0.47 -5.60 1.72
C LEU B 34 0.19 -6.97 1.90
N ASN B 35 1.03 -7.34 0.93
CA ASN B 35 1.83 -8.55 1.06
C ASN B 35 3.10 -8.31 1.89
N PRO B 36 3.90 -9.36 2.09
CA PRO B 36 5.06 -9.17 2.98
C PRO B 36 6.07 -8.13 2.51
N ASN B 37 6.06 -7.80 1.21
CA ASN B 37 6.94 -6.76 0.68
C ASN B 37 6.26 -5.39 0.68
N ARG B 38 5.15 -5.31 1.40
CA ARG B 38 4.39 -4.08 1.54
C ARG B 38 3.88 -3.55 0.20
N GLN B 39 3.59 -4.46 -0.70
CA GLN B 39 2.92 -4.14 -1.96
C GLN B 39 1.43 -4.40 -1.79
N THR B 40 0.61 -3.52 -2.35
CA THR B 40 -0.83 -3.62 -2.17
C THR B 40 -1.43 -4.80 -2.94
N ILE B 41 -2.15 -5.65 -2.22
CA ILE B 41 -2.90 -6.73 -2.84
C ILE B 41 -4.30 -6.22 -3.15
N TYR B 42 -5.00 -5.74 -2.12
CA TYR B 42 -6.33 -5.13 -2.29
C TYR B 42 -6.39 -3.75 -1.65
N PHE B 43 -6.98 -2.81 -2.39
CA PHE B 43 -7.28 -1.48 -1.89
C PHE B 43 -8.80 -1.38 -2.04
N ARG B 44 -9.51 -1.43 -0.92
CA ARG B 44 -10.94 -1.72 -0.98
C ARG B 44 -11.14 -2.97 -1.85
N ASP B 45 -12.04 -2.93 -2.83
CA ASP B 45 -12.25 -4.11 -3.68
C ASP B 45 -11.38 -4.16 -4.94
N PHE B 46 -10.43 -3.24 -5.04
CA PHE B 46 -9.57 -3.15 -6.23
C PHE B 46 -8.24 -3.86 -6.00
N ARG B 47 -7.85 -4.72 -6.93
CA ARG B 47 -6.56 -5.41 -6.85
C ARG B 47 -5.59 -4.89 -7.91
N PRO B 48 -4.59 -4.07 -7.49
CA PRO B 48 -3.59 -3.57 -8.44
C PRO B 48 -2.54 -4.63 -8.77
N LEU B 49 -2.39 -5.59 -7.86
CA LEU B 49 -1.36 -6.63 -7.99
C LEU B 49 -1.76 -7.70 -8.99
N LYS B 50 -0.94 -7.91 -10.01
CA LYS B 50 -1.27 -8.87 -11.05
C LYS B 50 -0.88 -10.30 -10.67
N ASP B 51 -1.60 -10.83 -9.69
CA ASP B 51 -1.46 -12.21 -9.25
C ASP B 51 -2.87 -12.73 -9.05
N SER B 52 -3.38 -13.42 -10.07
CA SER B 52 -4.77 -13.88 -10.07
C SER B 52 -5.06 -15.00 -9.06
N ARG B 53 -4.03 -15.47 -8.36
CA ARG B 53 -4.26 -16.38 -7.24
C ARG B 53 -4.98 -15.71 -6.07
N PHE B 54 -4.96 -14.39 -6.02
CA PHE B 54 -5.71 -13.67 -4.99
C PHE B 54 -7.12 -13.39 -5.47
N GLN B 55 -8.12 -13.69 -4.64
CA GLN B 55 -9.51 -13.38 -4.98
C GLN B 55 -10.20 -12.71 -3.80
N LEU B 56 -11.20 -11.90 -4.11
CA LEU B 56 -11.97 -11.23 -3.07
C LEU B 56 -13.09 -12.13 -2.62
N LEU B 57 -13.14 -12.44 -1.32
CA LEU B 57 -14.18 -13.29 -0.75
C LEU B 57 -15.33 -12.47 -0.15
N ASN B 58 -14.99 -11.34 0.47
CA ASN B 58 -16.01 -10.44 1.00
C ASN B 58 -15.44 -9.06 1.17
N PHE B 59 -16.24 -8.06 0.80
CA PHE B 59 -15.86 -6.69 1.08
C PHE B 59 -17.09 -5.97 1.59
N SER B 60 -16.95 -5.32 2.75
CA SER B 60 -18.03 -4.55 3.35
C SER B 60 -17.44 -3.38 4.11
N SER B 61 -18.28 -2.63 4.80
CA SER B 61 -17.82 -1.53 5.64
C SER B 61 -16.91 -2.06 6.76
N SER B 62 -17.04 -3.34 7.06
CA SER B 62 -16.44 -3.91 8.27
C SER B 62 -15.36 -4.94 7.98
N GLU B 63 -15.14 -5.26 6.72
CA GLU B 63 -14.27 -6.39 6.44
C GLU B 63 -13.72 -6.38 5.03
N LEU B 64 -12.45 -6.75 4.91
CA LEU B 64 -11.87 -7.08 3.62
C LEU B 64 -11.30 -8.48 3.79
N LYS B 65 -11.91 -9.45 3.12
CA LYS B 65 -11.50 -10.84 3.24
C LYS B 65 -11.05 -11.35 1.88
N VAL B 66 -9.85 -11.93 1.81
CA VAL B 66 -9.23 -12.32 0.55
C VAL B 66 -8.75 -13.76 0.65
N SER B 67 -8.85 -14.50 -0.45
CA SER B 67 -8.25 -15.84 -0.50
C SER B 67 -7.02 -15.86 -1.39
N LEU B 68 -6.07 -16.71 -1.03
CA LEU B 68 -4.90 -16.95 -1.87
C LEU B 68 -4.86 -18.44 -2.21
N THR B 69 -5.04 -18.74 -3.49
N THR B 69 -5.07 -18.73 -3.49
CA THR B 69 -5.13 -20.11 -3.95
CA THR B 69 -5.12 -20.12 -3.97
C THR B 69 -3.75 -20.63 -4.37
C THR B 69 -3.71 -20.62 -4.27
N ASN B 70 -3.52 -21.93 -4.18
CA ASN B 70 -2.24 -22.55 -4.47
C ASN B 70 -1.07 -21.86 -3.77
N VAL B 71 -1.18 -21.75 -2.45
CA VAL B 71 -0.14 -21.08 -1.67
C VAL B 71 1.18 -21.82 -1.81
N SER B 72 2.28 -21.09 -1.90
CA SER B 72 3.58 -21.75 -1.81
C SER B 72 4.40 -21.12 -0.68
N ILE B 73 5.50 -21.77 -0.31
CA ILE B 73 6.35 -21.23 0.75
C ILE B 73 6.80 -19.80 0.43
N SER B 74 6.86 -19.44 -0.85
CA SER B 74 7.28 -18.08 -1.21
C SER B 74 6.26 -17.04 -0.74
N ASP B 75 5.05 -17.50 -0.41
CA ASP B 75 4.00 -16.60 0.07
C ASP B 75 4.05 -16.40 1.60
N GLU B 76 4.97 -17.08 2.28
CA GLU B 76 4.98 -17.01 3.74
C GLU B 76 5.35 -15.63 4.25
N GLY B 77 4.81 -15.25 5.42
CA GLY B 77 5.22 -14.01 6.05
C GLY B 77 4.09 -13.13 6.54
N ARG B 78 4.41 -11.87 6.81
CA ARG B 78 3.48 -10.91 7.38
C ARG B 78 2.68 -10.24 6.29
N TYR B 79 1.36 -10.25 6.43
CA TYR B 79 0.48 -9.53 5.52
C TYR B 79 -0.13 -8.39 6.31
N PHE B 80 -0.07 -7.17 5.75
CA PHE B 80 -0.43 -5.99 6.52
C PHE B 80 -1.82 -5.46 6.23
N CYS B 81 -2.69 -5.43 7.24
CA CYS B 81 -3.96 -4.72 7.13
C CYS B 81 -3.74 -3.26 7.47
N GLN B 82 -4.30 -2.37 6.66
CA GLN B 82 -4.23 -0.94 6.97
C GLN B 82 -5.62 -0.36 6.97
N LEU B 83 -5.87 0.56 7.89
CA LEU B 83 -7.17 1.25 7.98
C LEU B 83 -6.94 2.74 8.00
N TYR B 84 -7.55 3.44 7.06
CA TYR B 84 -7.27 4.86 6.92
C TYR B 84 -8.21 5.77 7.71
N THR B 85 -8.30 5.47 8.99
CA THR B 85 -8.72 6.45 9.99
C THR B 85 -7.66 7.55 10.02
N ASP B 86 -7.90 8.58 10.83
CA ASP B 86 -6.93 9.66 11.02
C ASP B 86 -6.63 9.78 12.51
N PRO B 87 -5.46 9.29 12.94
CA PRO B 87 -4.37 8.70 12.15
C PRO B 87 -4.68 7.26 11.72
N PRO B 88 -3.98 6.78 10.69
CA PRO B 88 -4.24 5.43 10.18
C PRO B 88 -3.75 4.36 11.15
N GLN B 89 -4.27 3.15 10.98
CA GLN B 89 -3.88 2.03 11.83
C GLN B 89 -3.35 0.91 10.96
N GLU B 90 -2.52 0.05 11.55
CA GLU B 90 -1.96 -1.09 10.86
C GLU B 90 -1.89 -2.27 11.82
N SER B 91 -2.21 -3.47 11.34
CA SER B 91 -2.15 -4.71 12.12
C SER B 91 -1.78 -5.81 11.14
N TYR B 92 -0.73 -6.59 11.42
CA TYR B 92 -0.39 -7.64 10.47
C TYR B 92 -0.77 -9.04 10.97
N THR B 93 -1.01 -9.93 10.01
CA THR B 93 -1.20 -11.34 10.27
C THR B 93 -0.01 -12.10 9.72
N THR B 94 0.45 -13.11 10.44
CA THR B 94 1.53 -13.93 9.91
C THR B 94 0.97 -15.19 9.26
N ILE B 95 1.34 -15.41 8.01
CA ILE B 95 0.92 -16.60 7.28
C ILE B 95 2.06 -17.61 7.36
N THR B 96 1.77 -18.76 7.97
CA THR B 96 2.74 -19.84 8.10
C THR B 96 2.35 -20.94 7.12
N VAL B 97 3.32 -21.39 6.33
CA VAL B 97 3.03 -22.40 5.31
C VAL B 97 3.66 -23.72 5.72
N LEU B 98 2.83 -24.74 5.86
CA LEU B 98 3.30 -26.05 6.31
C LEU B 98 3.65 -26.93 5.12
N VAL B 99 4.47 -27.96 5.35
CA VAL B 99 4.80 -28.89 4.28
C VAL B 99 3.53 -29.55 3.74
N PRO B 100 3.52 -29.87 2.44
CA PRO B 100 2.36 -30.52 1.84
C PRO B 100 2.23 -31.96 2.35
N PRO B 101 1.10 -32.61 2.07
CA PRO B 101 0.89 -34.00 2.49
C PRO B 101 2.01 -34.93 2.02
#